data_6AAF
#
_entry.id   6AAF
#
_cell.length_a   33.798
_cell.length_b   108.866
_cell.length_c   35.120
_cell.angle_alpha   90.00
_cell.angle_beta   90.00
_cell.angle_gamma   90.00
#
_symmetry.space_group_name_H-M   'P 21 21 2'
#
loop_
_entity.id
_entity.type
_entity.pdbx_description
1 polymer 'Autophagy-related protein 8'
2 polymer 'Transmembrane protein 184 homolog C30D11.06c'
3 water water
#
loop_
_entity_poly.entity_id
_entity_poly.type
_entity_poly.pdbx_seq_one_letter_code
_entity_poly.pdbx_strand_id
1 'polypeptide(L)'
;GPHMRSQFKDDFSFEKRKTESQRIREKYPDRIPVICEKVDKSDIAAIDKKKYLVPSDLTVGQFVYVIRKRIKLSPEKAIF
IFIDEILPPTAALMSTIYEEHKSEDGFLYITYSGENTFG
;
A
2 'polypeptide(L)' MLQFEIDDEMEPLYNQAKQMRYGDYLEVLFQ B
#
# COMPACT_ATOMS: atom_id res chain seq x y z
N ARG A 5 3.87 7.65 -14.26
CA ARG A 5 2.51 8.00 -13.83
C ARG A 5 1.71 6.75 -13.44
N SER A 6 0.75 6.93 -12.54
CA SER A 6 -0.10 5.85 -12.09
C SER A 6 -1.16 5.46 -13.12
N GLN A 7 -1.46 4.18 -13.23
CA GLN A 7 -2.50 3.70 -14.13
C GLN A 7 -3.88 4.00 -13.54
N PHE A 8 -3.96 3.94 -12.22
CA PHE A 8 -5.21 4.17 -11.51
C PHE A 8 -5.71 5.60 -11.76
N LYS A 9 -4.79 6.56 -11.76
CA LYS A 9 -5.14 7.96 -12.06
C LYS A 9 -5.57 8.15 -13.51
N ASP A 10 -5.06 7.31 -14.40
CA ASP A 10 -5.42 7.38 -15.81
C ASP A 10 -6.77 6.73 -16.07
N ASP A 11 -7.13 5.78 -15.20
CA ASP A 11 -8.37 5.04 -15.35
C ASP A 11 -9.59 5.81 -14.81
N PHE A 12 -9.37 6.60 -13.76
CA PHE A 12 -10.47 7.28 -13.09
C PHE A 12 -10.15 8.75 -12.87
N SER A 13 -11.14 9.61 -13.15
CA SER A 13 -10.95 11.04 -12.97
C SER A 13 -10.90 11.41 -11.50
N PHE A 14 -10.47 12.65 -11.22
CA PHE A 14 -10.34 13.12 -9.86
C PHE A 14 -11.62 13.00 -9.04
N GLU A 15 -12.75 13.32 -9.66
CA GLU A 15 -14.03 13.29 -8.97
C GLU A 15 -14.33 11.90 -8.39
N LYS A 16 -14.16 10.87 -9.23
CA LYS A 16 -14.38 9.49 -8.81
C LYS A 16 -13.42 9.08 -7.70
N ARG A 17 -12.16 9.46 -7.84
CA ARG A 17 -11.14 9.05 -6.88
C ARG A 17 -11.39 9.71 -5.52
N LYS A 18 -11.62 11.02 -5.52
CA LYS A 18 -11.89 11.75 -4.30
C LYS A 18 -13.16 11.22 -3.61
N THR A 19 -14.20 10.95 -4.40
CA THR A 19 -15.43 10.39 -3.85
C THR A 19 -15.16 9.06 -3.16
N GLU A 20 -14.37 8.21 -3.83
CA GLU A 20 -14.04 6.89 -3.29
C GLU A 20 -13.20 6.96 -2.01
N SER A 21 -12.19 7.83 -2.00
CA SER A 21 -11.31 7.91 -0.83
C SER A 21 -12.06 8.51 0.36
N GLN A 22 -12.89 9.51 0.10
CA GLN A 22 -13.72 10.10 1.15
C GLN A 22 -14.70 9.07 1.74
N ARG A 23 -15.33 8.30 0.86
CA ARG A 23 -16.26 7.25 1.28
C ARG A 23 -15.56 6.18 2.11
N ILE A 24 -14.38 5.77 1.64
CA ILE A 24 -13.55 4.78 2.33
C ILE A 24 -13.16 5.27 3.72
N ARG A 25 -12.63 6.48 3.79
CA ARG A 25 -12.16 7.06 5.05
C ARG A 25 -13.30 7.29 6.03
N GLU A 26 -14.50 7.53 5.50
CA GLU A 26 -15.66 7.72 6.36
C GLU A 26 -16.25 6.38 6.83
N LYS A 27 -15.99 5.32 6.06
CA LYS A 27 -16.50 4.00 6.43
C LYS A 27 -15.52 3.24 7.32
N TYR A 28 -14.23 3.41 7.06
CA TYR A 28 -13.18 2.75 7.83
C TYR A 28 -12.12 3.74 8.28
N PRO A 29 -12.40 4.50 9.36
CA PRO A 29 -11.50 5.54 9.86
C PRO A 29 -10.18 4.99 10.40
N ASP A 30 -10.12 3.68 10.62
CA ASP A 30 -8.92 3.04 11.14
C ASP A 30 -8.03 2.49 10.03
N ARG A 31 -8.56 2.49 8.80
CA ARG A 31 -7.83 1.94 7.66
C ARG A 31 -7.28 3.03 6.74
N ILE A 32 -6.23 2.67 6.02
CA ILE A 32 -5.58 3.57 5.08
C ILE A 32 -5.72 3.04 3.66
N PRO A 33 -6.31 3.85 2.77
CA PRO A 33 -6.50 3.51 1.36
C PRO A 33 -5.22 3.65 0.56
N VAL A 34 -4.70 2.52 0.08
CA VAL A 34 -3.42 2.47 -0.60
C VAL A 34 -3.55 1.92 -2.02
N ILE A 35 -2.95 2.62 -2.97
CA ILE A 35 -2.81 2.13 -4.33
C ILE A 35 -1.35 1.71 -4.49
N CYS A 36 -1.13 0.45 -4.85
CA CYS A 36 0.21 -0.12 -4.90
C CYS A 36 0.49 -0.76 -6.25
N GLU A 37 1.34 -0.13 -7.04
CA GLU A 37 1.64 -0.58 -8.40
C GLU A 37 3.12 -0.87 -8.60
N LYS A 38 3.43 -1.73 -9.56
CA LYS A 38 4.80 -2.11 -9.87
C LYS A 38 5.48 -1.09 -10.79
N VAL A 39 6.76 -0.82 -10.52
CA VAL A 39 7.60 -0.04 -11.42
C VAL A 39 7.54 -0.62 -12.84
N ASP A 40 7.33 0.26 -13.82
CA ASP A 40 7.06 -0.14 -15.20
C ASP A 40 8.15 -1.04 -15.81
N LYS A 41 9.41 -0.70 -15.56
CA LYS A 41 10.52 -1.40 -16.20
C LYS A 41 11.26 -2.33 -15.23
N SER A 42 10.60 -2.73 -14.15
CA SER A 42 11.23 -3.63 -13.19
C SER A 42 11.10 -5.08 -13.63
N ASP A 43 11.64 -5.99 -12.84
CA ASP A 43 11.77 -7.39 -13.26
C ASP A 43 10.85 -8.33 -12.49
N ILE A 44 10.75 -8.13 -11.17
CA ILE A 44 10.07 -9.08 -10.31
C ILE A 44 8.56 -9.15 -10.54
N ALA A 45 7.89 -9.91 -9.70
CA ALA A 45 6.49 -10.30 -9.90
C ALA A 45 5.49 -9.15 -9.70
N ALA A 46 4.38 -9.23 -10.42
CA ALA A 46 3.25 -8.33 -10.23
C ALA A 46 1.98 -9.15 -10.02
N ILE A 47 1.12 -8.68 -9.14
CA ILE A 47 -0.09 -9.43 -8.79
C ILE A 47 -1.36 -8.78 -9.33
N ASP A 48 -2.50 -9.23 -8.83
CA ASP A 48 -3.79 -8.71 -9.29
C ASP A 48 -4.27 -7.56 -8.42
N LYS A 49 -4.06 -7.67 -7.12
CA LYS A 49 -4.54 -6.67 -6.17
C LYS A 49 -3.62 -5.46 -6.09
N LYS A 50 -4.18 -4.28 -6.29
CA LYS A 50 -3.43 -3.04 -6.09
C LYS A 50 -4.15 -2.14 -5.09
N LYS A 51 -5.40 -2.47 -4.79
CA LYS A 51 -6.21 -1.70 -3.85
C LYS A 51 -6.14 -2.29 -2.44
N TYR A 52 -5.48 -1.58 -1.53
CA TYR A 52 -5.32 -2.05 -0.16
C TYR A 52 -5.99 -1.16 0.88
N LEU A 53 -6.46 -1.76 1.95
CA LEU A 53 -6.97 -1.04 3.11
C LEU A 53 -6.17 -1.43 4.33
N VAL A 54 -5.00 -0.83 4.50
CA VAL A 54 -4.08 -1.31 5.53
C VAL A 54 -4.21 -0.52 6.84
N PRO A 55 -4.26 -1.24 7.98
CA PRO A 55 -4.40 -0.67 9.33
C PRO A 55 -3.42 0.46 9.60
N SER A 56 -3.91 1.51 10.25
CA SER A 56 -3.13 2.72 10.47
C SER A 56 -2.02 2.53 11.50
N ASP A 57 -2.19 1.54 12.38
CA ASP A 57 -1.21 1.28 13.44
C ASP A 57 -0.05 0.40 12.98
N LEU A 58 -0.13 -0.08 11.74
CA LEU A 58 0.93 -0.89 11.14
C LEU A 58 2.14 -0.03 10.82
N THR A 59 3.34 -0.60 10.92
CA THR A 59 4.54 0.11 10.50
C THR A 59 4.80 -0.17 9.03
N VAL A 60 5.70 0.61 8.44
CA VAL A 60 6.08 0.41 7.04
C VAL A 60 6.66 -1.00 6.84
N GLY A 61 7.53 -1.43 7.75
CA GLY A 61 8.18 -2.72 7.64
C GLY A 61 7.20 -3.88 7.65
N GLN A 62 6.22 -3.78 8.53
CA GLN A 62 5.16 -4.79 8.64
C GLN A 62 4.32 -4.86 7.38
N PHE A 63 4.11 -3.70 6.75
CA PHE A 63 3.38 -3.65 5.50
C PHE A 63 4.19 -4.33 4.40
N VAL A 64 5.50 -4.06 4.38
CA VAL A 64 6.39 -4.70 3.42
C VAL A 64 6.34 -6.22 3.57
N TYR A 65 6.36 -6.68 4.81
CA TYR A 65 6.17 -8.10 5.12
C TYR A 65 4.88 -8.62 4.51
N VAL A 66 3.80 -7.87 4.73
CA VAL A 66 2.47 -8.26 4.24
C VAL A 66 2.47 -8.45 2.73
N ILE A 67 3.05 -7.50 2.00
CA ILE A 67 3.00 -7.62 0.55
C ILE A 67 3.97 -8.70 0.05
N ARG A 68 5.05 -8.96 0.79
CA ARG A 68 5.94 -10.07 0.44
C ARG A 68 5.19 -11.40 0.55
N LYS A 69 4.39 -11.56 1.60
CA LYS A 69 3.60 -12.78 1.75
C LYS A 69 2.51 -12.86 0.69
N ARG A 70 1.94 -11.70 0.34
CA ARG A 70 0.91 -11.65 -0.71
C ARG A 70 1.45 -12.08 -2.07
N ILE A 71 2.61 -11.56 -2.46
CA ILE A 71 3.18 -11.90 -3.77
C ILE A 71 4.00 -13.19 -3.75
N LYS A 72 4.20 -13.75 -2.56
CA LYS A 72 5.03 -14.93 -2.37
C LYS A 72 6.43 -14.74 -2.93
N LEU A 73 7.11 -13.69 -2.48
CA LEU A 73 8.49 -13.42 -2.89
C LEU A 73 9.42 -14.41 -2.21
N SER A 74 10.50 -14.78 -2.89
CA SER A 74 11.48 -15.69 -2.31
C SER A 74 12.29 -14.97 -1.26
N PRO A 75 12.54 -15.63 -0.12
CA PRO A 75 13.15 -15.02 1.07
C PRO A 75 14.56 -14.46 0.86
N GLU A 76 15.17 -14.69 -0.30
CA GLU A 76 16.50 -14.15 -0.54
C GLU A 76 16.43 -12.83 -1.29
N LYS A 77 15.32 -12.58 -1.97
CA LYS A 77 15.20 -11.43 -2.85
C LYS A 77 14.82 -10.16 -2.10
N ALA A 78 15.28 -9.02 -2.60
CA ALA A 78 14.91 -7.73 -2.06
C ALA A 78 13.60 -7.25 -2.68
N ILE A 79 12.96 -6.32 -1.99
CA ILE A 79 11.85 -5.57 -2.58
C ILE A 79 11.86 -4.14 -2.03
N PHE A 80 12.03 -3.17 -2.93
CA PHE A 80 12.12 -1.77 -2.52
C PHE A 80 10.84 -1.01 -2.77
N ILE A 81 10.25 -0.49 -1.70
CA ILE A 81 9.01 0.26 -1.79
C ILE A 81 9.26 1.77 -1.77
N PHE A 82 8.72 2.46 -2.77
CA PHE A 82 8.88 3.90 -2.91
C PHE A 82 7.57 4.64 -2.68
N ILE A 83 7.66 5.76 -1.95
CA ILE A 83 6.56 6.69 -1.82
C ILE A 83 7.04 8.07 -2.23
N ASP A 84 6.41 8.64 -3.25
CA ASP A 84 6.86 9.91 -3.83
C ASP A 84 8.35 9.84 -4.18
N GLU A 85 8.74 8.72 -4.79
CA GLU A 85 10.11 8.49 -5.27
C GLU A 85 11.16 8.54 -4.16
N ILE A 86 10.75 8.25 -2.93
CA ILE A 86 11.71 8.12 -1.84
C ILE A 86 11.42 6.87 -1.02
N LEU A 87 12.44 6.35 -0.36
CA LEU A 87 12.32 5.16 0.46
C LEU A 87 11.98 5.52 1.91
N PRO A 88 10.78 5.16 2.37
CA PRO A 88 10.34 5.48 3.73
C PRO A 88 11.01 4.58 4.76
N PRO A 89 11.29 5.12 5.96
CA PRO A 89 11.90 4.34 7.05
C PRO A 89 11.00 3.20 7.51
N THR A 90 11.56 2.02 7.73
CA THR A 90 10.78 0.83 8.06
C THR A 90 10.03 0.97 9.38
N ALA A 91 10.58 1.74 10.31
CA ALA A 91 9.98 1.89 11.64
C ALA A 91 8.86 2.94 11.68
N ALA A 92 8.61 3.61 10.56
CA ALA A 92 7.58 4.66 10.52
C ALA A 92 6.15 4.07 10.48
N LEU A 93 5.23 4.72 11.19
CA LEU A 93 3.82 4.32 11.18
C LEU A 93 3.14 4.68 9.86
N MET A 94 2.18 3.85 9.45
CA MET A 94 1.44 4.11 8.21
C MET A 94 0.57 5.37 8.31
N SER A 95 0.07 5.67 9.51
CA SER A 95 -0.74 6.87 9.73
C SER A 95 0.08 8.15 9.52
N THR A 96 1.29 8.14 10.06
CA THR A 96 2.22 9.25 9.86
C THR A 96 2.52 9.45 8.37
N ILE A 97 2.91 8.34 7.73
CA ILE A 97 3.22 8.35 6.31
C ILE A 97 2.04 8.92 5.51
N TYR A 98 0.83 8.50 5.86
CA TYR A 98 -0.37 8.93 5.16
C TYR A 98 -0.62 10.43 5.33
N GLU A 99 -0.56 10.92 6.56
CA GLU A 99 -0.76 12.35 6.82
C GLU A 99 0.26 13.17 6.03
N GLU A 100 1.48 12.65 5.91
CA GLU A 100 2.53 13.40 5.23
C GLU A 100 2.50 13.30 3.68
N HIS A 101 2.06 12.16 3.16
CA HIS A 101 2.22 11.86 1.72
C HIS A 101 0.93 11.65 0.92
N LYS A 102 -0.22 11.67 1.59
CA LYS A 102 -1.48 11.44 0.88
C LYS A 102 -1.65 12.38 -0.31
N SER A 103 -2.21 11.84 -1.39
CA SER A 103 -2.40 12.60 -2.61
C SER A 103 -3.62 13.51 -2.44
N GLU A 104 -3.79 14.44 -3.37
CA GLU A 104 -4.91 15.37 -3.34
C GLU A 104 -6.26 14.66 -3.33
N ASP A 105 -6.33 13.51 -3.99
CA ASP A 105 -7.57 12.73 -4.04
C ASP A 105 -7.78 11.93 -2.75
N GLY A 106 -6.82 11.99 -1.84
CA GLY A 106 -6.94 11.32 -0.56
C GLY A 106 -6.43 9.88 -0.52
N PHE A 107 -5.83 9.42 -1.61
CA PHE A 107 -5.19 8.09 -1.64
C PHE A 107 -3.69 8.19 -1.38
N LEU A 108 -3.13 7.11 -0.84
CA LEU A 108 -1.68 6.99 -0.67
C LEU A 108 -1.10 6.12 -1.78
N TYR A 109 -0.30 6.72 -2.66
CA TYR A 109 0.23 6.00 -3.81
C TYR A 109 1.61 5.41 -3.50
N ILE A 110 1.69 4.10 -3.66
CA ILE A 110 2.89 3.34 -3.34
C ILE A 110 3.38 2.61 -4.58
N THR A 111 4.68 2.69 -4.81
CA THR A 111 5.29 2.00 -5.93
C THR A 111 6.26 0.96 -5.35
N TYR A 112 6.55 -0.11 -6.09
CA TYR A 112 7.59 -1.03 -5.63
C TYR A 112 8.39 -1.61 -6.79
N SER A 113 9.65 -1.94 -6.50
CA SER A 113 10.58 -2.44 -7.50
C SER A 113 11.40 -3.59 -6.95
N GLY A 114 11.92 -4.42 -7.84
CA GLY A 114 12.82 -5.49 -7.45
C GLY A 114 14.26 -5.02 -7.41
N GLU A 115 14.57 -4.01 -8.20
CA GLU A 115 15.91 -3.45 -8.27
C GLU A 115 15.93 -1.94 -8.07
N ASN A 116 16.69 -1.48 -7.09
CA ASN A 116 16.84 -0.05 -6.83
C ASN A 116 17.96 0.24 -5.83
N LEU B 2 -15.66 2.40 -6.41
CA LEU B 2 -15.02 1.62 -7.45
C LEU B 2 -14.30 0.40 -6.88
N GLN B 3 -15.07 -0.51 -6.30
CA GLN B 3 -14.57 -1.81 -5.82
C GLN B 3 -13.48 -1.68 -4.75
N PHE B 4 -13.77 -0.92 -3.70
CA PHE B 4 -12.89 -0.83 -2.55
C PHE B 4 -13.57 -1.42 -1.32
N GLU B 5 -13.31 -2.69 -1.06
CA GLU B 5 -13.91 -3.39 0.08
C GLU B 5 -12.86 -4.14 0.90
N ILE B 6 -13.25 -4.58 2.09
CA ILE B 6 -12.36 -5.32 2.97
C ILE B 6 -12.08 -6.72 2.41
N ASP B 7 -10.80 -7.06 2.26
CA ASP B 7 -10.40 -8.37 1.75
C ASP B 7 -10.18 -9.35 2.90
N ASP B 8 -10.95 -10.43 2.89
CA ASP B 8 -10.81 -11.49 3.89
C ASP B 8 -9.57 -12.33 3.61
N GLU B 9 -9.01 -12.17 2.41
CA GLU B 9 -7.80 -12.88 2.02
C GLU B 9 -6.56 -12.11 2.47
N MET B 10 -6.77 -11.03 3.21
CA MET B 10 -5.66 -10.18 3.64
C MET B 10 -5.61 -9.97 5.16
N GLU B 11 -6.77 -10.00 5.81
CA GLU B 11 -6.86 -9.76 7.24
C GLU B 11 -5.94 -10.65 8.11
N PRO B 12 -5.91 -11.98 7.83
CA PRO B 12 -4.95 -12.80 8.59
C PRO B 12 -3.52 -12.30 8.46
N LEU B 13 -3.12 -11.89 7.27
CA LEU B 13 -1.78 -11.35 7.06
C LEU B 13 -1.52 -10.12 7.91
N TYR B 14 -2.52 -9.24 8.01
CA TYR B 14 -2.40 -8.04 8.81
C TYR B 14 -2.21 -8.38 10.28
N ASN B 15 -3.04 -9.30 10.78
CA ASN B 15 -2.95 -9.69 12.18
C ASN B 15 -1.64 -10.42 12.47
N GLN B 16 -1.10 -11.10 11.45
CA GLN B 16 0.20 -11.75 11.57
C GLN B 16 1.31 -10.72 11.65
N ALA B 17 1.20 -9.68 10.83
CA ALA B 17 2.23 -8.66 10.74
C ALA B 17 2.27 -7.78 11.99
N LYS B 18 1.11 -7.57 12.62
CA LYS B 18 1.03 -6.75 13.82
C LYS B 18 1.92 -7.27 14.95
N GLN B 19 2.13 -8.58 14.98
CA GLN B 19 2.95 -9.21 16.00
C GLN B 19 4.42 -9.26 15.58
N MET B 20 4.66 -9.05 14.30
CA MET B 20 5.98 -9.20 13.71
C MET B 20 6.75 -7.88 13.69
N ARG B 21 7.39 -7.55 14.80
CA ARG B 21 8.19 -6.33 14.89
C ARG B 21 9.63 -6.57 14.45
N TYR B 22 10.28 -5.53 13.92
CA TYR B 22 11.64 -5.65 13.40
C TYR B 22 12.60 -4.67 14.08
N GLY B 23 13.28 -3.86 13.29
CA GLY B 23 14.24 -2.90 13.81
C GLY B 23 14.14 -1.54 13.13
#